data_3I00
#
_entry.id   3I00
#
_cell.length_a   35.801
_cell.length_b   57.092
_cell.length_c   81.161
_cell.angle_alpha   90.00
_cell.angle_beta   90.00
_cell.angle_gamma   90.00
#
_symmetry.space_group_name_H-M   'P 21 21 21'
#
loop_
_entity.id
_entity.type
_entity.pdbx_description
1 polymer 'Huntingtin-interacting protein 1'
2 water water
#
_entity_poly.entity_id   1
_entity_poly.type   'polypeptide(L)'
_entity_poly.pdbx_seq_one_letter_code
;NFNSQNGVNKDEKDHLIERLYREISGLKAQLENMKTESQRVVLQLKGHVSELEADLAEQQHLRQQAADDCEFLRAELDEL
RRQREDTEKAQRSLSEIERKAQANEQRYSKLKEKYSELVQ
;
_entity_poly.pdbx_strand_id   A,B
#
# COMPACT_ATOMS: atom_id res chain seq x y z
N LYS A 10 68.37 29.32 -21.72
CA LYS A 10 67.12 30.16 -21.63
C LYS A 10 66.80 30.54 -20.19
N ASP A 11 66.33 31.77 -19.97
CA ASP A 11 65.77 32.10 -18.67
C ASP A 11 64.27 32.29 -18.77
N GLU A 12 63.80 33.52 -19.03
CA GLU A 12 62.37 33.90 -19.06
C GLU A 12 61.33 32.77 -19.21
N LYS A 13 61.68 31.75 -19.99
CA LYS A 13 60.97 30.46 -20.00
C LYS A 13 60.91 29.89 -18.58
N ASP A 14 62.05 29.90 -17.88
CA ASP A 14 62.14 29.50 -16.48
C ASP A 14 61.07 30.12 -15.60
N HIS A 15 60.77 31.40 -15.84
CA HIS A 15 59.77 32.10 -15.03
C HIS A 15 58.34 31.78 -15.47
N LEU A 16 58.19 31.39 -16.73
CA LEU A 16 56.90 30.97 -17.26
C LEU A 16 56.54 29.62 -16.67
N ILE A 17 57.57 28.92 -16.19
CA ILE A 17 57.46 27.51 -15.88
C ILE A 17 56.77 26.95 -14.63
N GLU A 18 57.16 27.18 -13.37
CA GLU A 18 57.17 28.44 -12.57
C GLU A 18 55.75 29.04 -12.47
N ARG A 19 55.35 29.90 -13.39
CA ARG A 19 53.98 30.43 -13.33
C ARG A 19 52.95 29.36 -13.71
N LEU A 20 53.31 28.51 -14.67
CA LEU A 20 52.43 27.43 -15.10
C LEU A 20 52.24 26.41 -13.99
N TYR A 21 53.34 26.06 -13.32
CA TYR A 21 53.27 25.19 -12.14
C TYR A 21 52.40 25.77 -11.03
N ARG A 22 52.49 27.09 -10.82
CA ARG A 22 51.62 27.79 -9.87
C ARG A 22 50.14 27.63 -10.32
N GLU A 23 49.92 27.75 -11.63
CA GLU A 23 48.57 27.65 -12.20
C GLU A 23 48.02 26.25 -12.03
N ILE A 24 48.83 25.26 -12.39
CA ILE A 24 48.51 23.86 -12.18
C ILE A 24 48.12 23.56 -10.73
N SER A 25 48.90 24.08 -9.78
CA SER A 25 48.61 23.92 -8.34
C SER A 25 47.28 24.53 -7.91
N GLY A 26 46.97 25.70 -8.43
CA GLY A 26 45.68 26.35 -8.21
C GLY A 26 44.53 25.49 -8.70
N LEU A 27 44.66 24.97 -9.92
CA LEU A 27 43.61 24.17 -10.55
C LEU A 27 43.37 22.81 -9.88
N LYS A 28 44.42 22.07 -9.56
CA LYS A 28 44.28 20.81 -8.83
C LYS A 28 43.63 21.04 -7.47
N ALA A 29 43.98 22.13 -6.79
CA ALA A 29 43.36 22.48 -5.53
C ALA A 29 41.86 22.76 -5.70
N GLN A 30 41.51 23.36 -6.83
CA GLN A 30 40.14 23.68 -7.16
C GLN A 30 39.30 22.42 -7.40
N LEU A 31 39.85 21.50 -8.17
CA LEU A 31 39.17 20.22 -8.44
C LEU A 31 38.83 19.49 -7.16
N GLU A 32 39.84 19.32 -6.30
CA GLU A 32 39.65 18.62 -5.02
C GLU A 32 38.56 19.26 -4.18
N ASN A 33 38.55 20.60 -4.16
CA ASN A 33 37.59 21.39 -3.40
C ASN A 33 36.20 21.17 -3.92
N MET A 34 36.06 21.30 -5.23
CA MET A 34 34.77 21.17 -5.88
C MET A 34 34.22 19.74 -5.72
N LYS A 35 35.07 18.74 -5.97
CA LYS A 35 34.76 17.33 -5.79
C LYS A 35 34.17 17.05 -4.39
N THR A 36 34.87 17.53 -3.36
CA THR A 36 34.48 17.34 -1.95
C THR A 36 33.25 18.15 -1.54
N GLU A 37 33.17 19.40 -2.01
CA GLU A 37 32.01 20.25 -1.70
C GLU A 37 30.76 19.77 -2.45
N SER A 38 30.94 19.36 -3.70
CA SER A 38 29.86 18.80 -4.52
C SER A 38 29.28 17.53 -3.90
N GLN A 39 30.17 16.64 -3.46
CA GLN A 39 29.78 15.39 -2.82
C GLN A 39 29.00 15.65 -1.53
N ARG A 40 29.41 16.69 -0.80
CA ARG A 40 28.75 17.08 0.45
C ARG A 40 27.32 17.55 0.19
N VAL A 41 27.16 18.47 -0.76
CA VAL A 41 25.86 19.02 -1.11
C VAL A 41 24.91 17.89 -1.59
N VAL A 42 25.46 16.97 -2.37
CA VAL A 42 24.70 15.86 -2.94
C VAL A 42 24.21 14.94 -1.85
N LEU A 43 25.06 14.69 -0.85
CA LEU A 43 24.73 13.82 0.25
C LEU A 43 23.69 14.41 1.23
N GLN A 44 23.74 15.71 1.46
CA GLN A 44 22.73 16.30 2.34
C GLN A 44 21.39 16.38 1.62
N LEU A 45 21.42 16.57 0.29
CA LEU A 45 20.19 16.56 -0.47
C LEU A 45 19.57 15.18 -0.42
N LYS A 46 20.41 14.16 -0.61
CA LYS A 46 19.97 12.77 -0.49
C LYS A 46 19.35 12.47 0.88
N GLY A 47 20.01 12.90 1.96
CA GLY A 47 19.46 12.79 3.32
C GLY A 47 18.10 13.45 3.49
N HIS A 48 17.92 14.64 2.92
CA HIS A 48 16.69 15.40 2.98
C HIS A 48 15.53 14.68 2.29
N VAL A 49 15.75 14.18 1.06
CA VAL A 49 14.67 13.45 0.36
C VAL A 49 14.32 12.16 1.09
N SER A 50 15.32 11.51 1.66
CA SER A 50 15.08 10.31 2.45
C SER A 50 14.25 10.64 3.68
N GLU A 51 14.52 11.81 4.27
CA GLU A 51 13.80 12.28 5.45
C GLU A 51 12.38 12.59 5.08
N LEU A 52 12.20 13.25 3.94
CA LEU A 52 10.89 13.52 3.37
C LEU A 52 10.08 12.28 3.01
N GLU A 53 10.76 11.21 2.55
CA GLU A 53 10.06 9.94 2.26
C GLU A 53 9.49 9.32 3.53
N ALA A 54 10.25 9.39 4.62
CA ALA A 54 9.81 8.89 5.92
C ALA A 54 8.67 9.73 6.49
N ASP A 55 8.75 11.04 6.29
CA ASP A 55 7.69 11.95 6.72
C ASP A 55 6.40 11.67 5.97
N LEU A 56 6.51 11.48 4.66
CA LEU A 56 5.38 11.17 3.78
C LEU A 56 4.66 9.90 4.23
N ALA A 57 5.40 8.82 4.39
CA ALA A 57 4.85 7.53 4.87
C ALA A 57 4.04 7.65 6.16
N GLU A 58 4.59 8.38 7.14
CA GLU A 58 3.87 8.81 8.35
C GLU A 58 2.55 9.53 7.98
N GLN A 59 2.64 10.61 7.20
CA GLN A 59 1.47 11.42 6.88
C GLN A 59 0.40 10.64 6.16
N GLN A 60 0.82 9.73 5.28
CA GLN A 60 -0.07 8.82 4.55
C GLN A 60 -0.76 7.83 5.49
N HIS A 61 0.00 7.28 6.45
CA HIS A 61 -0.55 6.48 7.53
C HIS A 61 -1.61 7.29 8.28
N LEU A 62 -1.18 8.42 8.86
CA LEU A 62 -2.06 9.26 9.67
C LEU A 62 -3.34 9.58 8.92
N ARG A 63 -3.17 9.92 7.63
CA ARG A 63 -4.25 10.27 6.72
C ARG A 63 -5.13 9.06 6.41
N GLN A 64 -4.52 7.90 6.20
CA GLN A 64 -5.32 6.71 5.99
C GLN A 64 -6.23 6.41 7.19
N GLN A 65 -5.70 6.59 8.40
CA GLN A 65 -6.44 6.33 9.64
C GLN A 65 -7.60 7.30 9.80
N ALA A 66 -7.37 8.58 9.51
CA ALA A 66 -8.39 9.63 9.60
C ALA A 66 -9.59 9.40 8.64
N ALA A 67 -9.28 8.98 7.42
CA ALA A 67 -10.29 8.71 6.38
C ALA A 67 -11.18 7.49 6.67
N ASP A 68 -10.56 6.43 7.19
CA ASP A 68 -11.29 5.25 7.63
C ASP A 68 -12.22 5.58 8.81
N ASP A 69 -11.79 6.48 9.68
CA ASP A 69 -12.61 6.94 10.82
C ASP A 69 -13.95 7.50 10.34
N CYS A 70 -13.90 8.40 9.35
CA CYS A 70 -15.09 8.98 8.73
C CYS A 70 -15.94 7.93 8.03
N GLU A 71 -15.30 6.98 7.34
CA GLU A 71 -16.05 5.91 6.67
C GLU A 71 -16.84 5.13 7.71
N PHE A 72 -16.18 4.79 8.81
CA PHE A 72 -16.81 4.12 9.94
C PHE A 72 -18.00 4.92 10.52
N LEU A 73 -17.79 6.22 10.68
CA LEU A 73 -18.83 7.13 11.15
C LEU A 73 -19.98 7.27 10.17
N ARG A 74 -19.66 7.27 8.88
CA ARG A 74 -20.66 7.33 7.81
C ARG A 74 -21.58 6.13 7.91
N ALA A 75 -21.00 4.93 8.06
CA ALA A 75 -21.78 3.70 8.24
C ALA A 75 -22.63 3.70 9.53
N GLU A 76 -22.04 4.17 10.63
CA GLU A 76 -22.75 4.33 11.90
C GLU A 76 -23.96 5.29 11.80
N LEU A 77 -23.82 6.33 10.98
CA LEU A 77 -24.91 7.28 10.75
C LEU A 77 -26.03 6.67 9.91
N ASP A 78 -25.67 5.90 8.88
CA ASP A 78 -26.65 5.24 8.02
C ASP A 78 -27.45 4.24 8.81
N GLU A 79 -26.75 3.51 9.68
CA GLU A 79 -27.35 2.53 10.58
C GLU A 79 -28.36 3.21 11.50
N LEU A 80 -27.95 4.28 12.18
CA LEU A 80 -28.84 5.05 13.06
C LEU A 80 -30.11 5.53 12.35
N ARG A 81 -29.96 6.12 11.16
CA ARG A 81 -31.11 6.71 10.47
C ARG A 81 -32.03 5.62 9.95
N ARG A 82 -31.47 4.43 9.68
CA ARG A 82 -32.24 3.24 9.26
C ARG A 82 -32.98 2.58 10.42
N GLN A 83 -32.79 3.09 11.64
CA GLN A 83 -33.52 2.57 12.78
C GLN A 83 -34.87 3.27 12.98
N ARG A 84 -35.25 4.05 11.96
CA ARG A 84 -36.51 4.77 11.93
C ARG A 84 -36.94 5.03 10.49
N GLU A 85 -36.35 4.29 9.56
CA GLU A 85 -36.52 4.54 8.13
C GLU A 85 -37.92 4.17 7.60
N GLY B 7 34.55 14.64 7.56
CA GLY B 7 35.88 15.05 7.01
C GLY B 7 35.88 14.86 5.50
N VAL B 8 36.68 13.89 5.04
CA VAL B 8 36.69 13.44 3.63
C VAL B 8 35.28 13.28 3.04
N ASN B 9 34.33 12.97 3.93
CA ASN B 9 32.86 13.15 3.82
C ASN B 9 32.15 12.11 4.68
N LYS B 10 32.91 11.60 5.67
CA LYS B 10 32.58 10.40 6.43
C LYS B 10 31.26 10.46 7.20
N ASP B 11 31.03 11.54 7.94
CA ASP B 11 29.80 11.73 8.73
C ASP B 11 28.55 11.91 7.87
N GLU B 12 28.68 12.73 6.82
CA GLU B 12 27.60 12.97 5.86
C GLU B 12 27.04 11.67 5.24
N LYS B 13 27.91 10.68 5.08
CA LYS B 13 27.54 9.36 4.56
C LYS B 13 26.93 8.49 5.64
N ASP B 14 27.49 8.54 6.85
CA ASP B 14 26.86 7.94 8.01
C ASP B 14 25.48 8.54 8.27
N HIS B 15 25.35 9.86 8.13
CA HIS B 15 24.05 10.52 8.26
C HIS B 15 23.04 9.92 7.28
N LEU B 16 23.40 9.87 6.00
CA LEU B 16 22.50 9.36 4.96
C LEU B 16 22.19 7.89 5.19
N ILE B 17 23.21 7.11 5.50
CA ILE B 17 23.00 5.70 5.75
C ILE B 17 21.89 5.49 6.77
N GLU B 18 21.89 6.31 7.82
CA GLU B 18 20.91 6.20 8.89
C GLU B 18 19.52 6.51 8.34
N ARG B 19 19.41 7.58 7.57
CA ARG B 19 18.14 7.96 6.97
C ARG B 19 17.59 6.84 6.09
N LEU B 20 18.49 6.15 5.38
CA LEU B 20 18.11 5.03 4.50
C LEU B 20 17.68 3.80 5.30
N TYR B 21 18.39 3.52 6.40
CA TYR B 21 17.93 2.52 7.36
C TYR B 21 16.46 2.80 7.79
N ARG B 22 16.15 4.06 8.11
CA ARG B 22 14.80 4.43 8.59
C ARG B 22 13.73 4.26 7.54
N GLU B 23 14.09 4.61 6.29
CA GLU B 23 13.18 4.51 5.16
C GLU B 23 12.85 3.06 4.87
N ILE B 24 13.87 2.21 4.83
CA ILE B 24 13.72 0.75 4.66
C ILE B 24 12.76 0.15 5.70
N SER B 25 12.99 0.49 6.96
CA SER B 25 12.18 -0.02 8.05
C SER B 25 10.74 0.47 7.92
N GLY B 26 10.55 1.74 7.59
CA GLY B 26 9.22 2.24 7.27
C GLY B 26 8.58 1.48 6.12
N LEU B 27 9.37 1.09 5.13
CA LEU B 27 8.84 0.40 3.96
C LEU B 27 8.41 -1.02 4.29
N LYS B 28 9.11 -1.68 5.19
CA LYS B 28 8.76 -3.05 5.56
C LYS B 28 7.58 -3.05 6.50
N ALA B 29 7.45 -2.02 7.32
CA ALA B 29 6.27 -1.86 8.17
C ALA B 29 5.01 -1.61 7.35
N GLN B 30 5.16 -0.87 6.25
CA GLN B 30 4.05 -0.66 5.30
C GLN B 30 3.63 -1.95 4.64
N LEU B 31 4.61 -2.76 4.24
CA LEU B 31 4.35 -4.02 3.55
C LEU B 31 3.60 -4.96 4.45
N GLU B 32 4.01 -5.02 5.71
CA GLU B 32 3.35 -5.82 6.72
C GLU B 32 1.92 -5.38 6.92
N ASN B 33 1.74 -4.07 7.06
CA ASN B 33 0.43 -3.51 7.36
C ASN B 33 -0.54 -3.65 6.20
N MET B 34 -0.01 -3.57 4.97
CA MET B 34 -0.76 -3.84 3.75
C MET B 34 -1.23 -5.29 3.62
N LYS B 35 -0.32 -6.24 3.85
CA LYS B 35 -0.70 -7.63 3.68
C LYS B 35 -1.59 -8.14 4.82
N THR B 36 -1.36 -7.64 6.03
CA THR B 36 -2.27 -7.92 7.12
C THR B 36 -3.68 -7.38 6.85
N GLU B 37 -3.78 -6.17 6.31
CA GLU B 37 -5.09 -5.58 6.03
C GLU B 37 -5.77 -6.34 4.90
N SER B 38 -4.99 -6.69 3.89
CA SER B 38 -5.51 -7.38 2.72
C SER B 38 -6.04 -8.76 3.10
N GLN B 39 -5.27 -9.50 3.88
CA GLN B 39 -5.71 -10.85 4.29
C GLN B 39 -7.04 -10.78 5.05
N ARG B 40 -7.21 -9.70 5.81
CA ARG B 40 -8.40 -9.42 6.61
C ARG B 40 -9.64 -9.19 5.75
N VAL B 41 -9.53 -8.38 4.69
CA VAL B 41 -10.64 -8.10 3.77
C VAL B 41 -11.01 -9.33 2.91
N VAL B 42 -10.00 -9.96 2.33
CA VAL B 42 -10.16 -11.11 1.44
C VAL B 42 -10.86 -12.27 2.12
N LEU B 43 -10.45 -12.54 3.36
CA LEU B 43 -11.01 -13.56 4.22
C LEU B 43 -12.51 -13.32 4.45
N GLN B 44 -12.90 -12.07 4.73
CA GLN B 44 -14.30 -11.70 4.96
C GLN B 44 -15.15 -11.85 3.68
N LEU B 45 -14.56 -11.50 2.53
CA LEU B 45 -15.24 -11.62 1.24
C LEU B 45 -15.48 -13.06 0.83
N LYS B 46 -14.47 -13.89 1.07
CA LYS B 46 -14.53 -15.32 0.81
C LYS B 46 -15.56 -16.01 1.69
N GLY B 47 -15.67 -15.60 2.95
CA GLY B 47 -16.69 -16.10 3.86
C GLY B 47 -18.10 -15.73 3.41
N HIS B 48 -18.26 -14.49 2.95
CA HIS B 48 -19.52 -14.02 2.39
C HIS B 48 -19.90 -14.82 1.15
N VAL B 49 -18.91 -15.08 0.29
CA VAL B 49 -19.14 -15.87 -0.91
C VAL B 49 -19.76 -17.24 -0.53
N SER B 50 -19.14 -17.92 0.42
CA SER B 50 -19.56 -19.27 0.72
C SER B 50 -20.88 -19.33 1.47
N GLU B 51 -21.20 -18.31 2.27
CA GLU B 51 -22.54 -18.15 2.85
C GLU B 51 -23.61 -17.88 1.78
N LEU B 52 -23.26 -17.08 0.79
CA LEU B 52 -24.16 -16.84 -0.32
C LEU B 52 -24.39 -18.12 -1.11
N GLU B 53 -23.32 -18.88 -1.32
CA GLU B 53 -23.39 -20.16 -2.02
C GLU B 53 -24.21 -21.18 -1.24
N ALA B 54 -24.05 -21.20 0.08
CA ALA B 54 -24.88 -22.01 0.98
C ALA B 54 -26.36 -21.67 0.84
N ASP B 55 -26.69 -20.38 0.81
CA ASP B 55 -28.08 -19.92 0.67
C ASP B 55 -28.67 -20.24 -0.71
N LEU B 56 -27.82 -20.22 -1.75
CA LEU B 56 -28.22 -20.67 -3.09
C LEU B 56 -28.52 -22.17 -3.09
N ALA B 57 -27.70 -22.94 -2.37
CA ALA B 57 -27.88 -24.37 -2.28
C ALA B 57 -29.18 -24.73 -1.57
N GLU B 58 -29.57 -23.93 -0.56
CA GLU B 58 -30.79 -24.20 0.23
C GLU B 58 -32.04 -23.84 -0.57
N GLN B 59 -31.93 -22.79 -1.37
CA GLN B 59 -33.00 -22.40 -2.29
C GLN B 59 -33.29 -23.47 -3.34
N GLN B 60 -32.25 -24.13 -3.86
CA GLN B 60 -32.43 -25.27 -4.79
C GLN B 60 -33.06 -26.48 -4.09
N HIS B 61 -32.67 -26.71 -2.84
CA HIS B 61 -33.22 -27.81 -2.04
C HIS B 61 -34.75 -27.64 -1.91
N LEU B 62 -35.18 -26.43 -1.60
CA LEU B 62 -36.58 -26.12 -1.35
C LEU B 62 -37.39 -26.06 -2.65
N ARG B 63 -36.74 -25.59 -3.71
CA ARG B 63 -37.30 -25.64 -5.07
C ARG B 63 -37.61 -27.10 -5.47
N GLN B 64 -36.63 -27.97 -5.28
CA GLN B 64 -36.77 -29.41 -5.50
C GLN B 64 -37.91 -30.00 -4.67
N GLN B 65 -37.91 -29.68 -3.38
CA GLN B 65 -38.96 -30.12 -2.45
C GLN B 65 -40.38 -29.67 -2.86
N ALA B 66 -40.52 -28.40 -3.26
CA ALA B 66 -41.78 -27.92 -3.80
C ALA B 66 -42.19 -28.65 -5.09
N ALA B 67 -41.23 -28.97 -5.94
CA ALA B 67 -41.51 -29.71 -7.18
C ALA B 67 -42.03 -31.13 -6.90
N ASP B 68 -41.36 -31.85 -5.99
CA ASP B 68 -41.84 -33.16 -5.54
C ASP B 68 -43.24 -33.08 -4.90
N ASP B 69 -43.48 -32.01 -4.18
CA ASP B 69 -44.74 -31.80 -3.48
C ASP B 69 -45.87 -31.57 -4.46
N CYS B 70 -45.63 -30.69 -5.44
CA CYS B 70 -46.54 -30.48 -6.55
C CYS B 70 -46.82 -31.76 -7.33
N GLU B 71 -45.76 -32.50 -7.69
CA GLU B 71 -45.89 -33.83 -8.33
C GLU B 71 -46.88 -34.73 -7.57
N PHE B 72 -46.71 -34.80 -6.25
CA PHE B 72 -47.56 -35.60 -5.36
C PHE B 72 -49.01 -35.11 -5.39
N LEU B 73 -49.17 -33.83 -5.13
CA LEU B 73 -50.45 -33.13 -5.16
C LEU B 73 -51.19 -33.35 -6.47
N ARG B 74 -50.49 -33.14 -7.60
CA ARG B 74 -51.09 -33.33 -8.91
C ARG B 74 -51.47 -34.79 -9.22
N ALA B 75 -50.67 -35.74 -8.72
CA ALA B 75 -50.95 -37.17 -8.90
C ALA B 75 -52.18 -37.58 -8.07
N GLU B 76 -52.36 -36.90 -6.94
CA GLU B 76 -53.50 -37.12 -6.04
C GLU B 76 -54.80 -36.63 -6.67
N LEU B 77 -54.78 -35.37 -7.12
CA LEU B 77 -55.85 -34.76 -7.92
C LEU B 77 -56.30 -35.61 -9.12
N ASP B 78 -55.35 -35.95 -10.00
CA ASP B 78 -55.60 -36.73 -11.22
C ASP B 78 -56.31 -38.07 -10.91
N GLU B 79 -55.78 -38.79 -9.93
CA GLU B 79 -56.32 -40.08 -9.55
C GLU B 79 -57.67 -40.04 -8.84
N LEU B 80 -57.85 -39.11 -7.92
CA LEU B 80 -59.12 -39.05 -7.21
C LEU B 80 -60.28 -38.80 -8.17
N ARG B 81 -60.04 -37.97 -9.20
CA ARG B 81 -61.01 -37.77 -10.31
C ARG B 81 -61.19 -39.02 -11.16
N ARG B 82 -60.09 -39.73 -11.40
CA ARG B 82 -60.07 -40.95 -12.23
C ARG B 82 -60.98 -42.00 -11.59
N GLN B 83 -60.80 -42.15 -10.27
CA GLN B 83 -61.52 -43.11 -9.46
C GLN B 83 -63.01 -42.76 -9.38
N ARG B 84 -63.31 -41.46 -9.43
CA ARG B 84 -64.68 -40.97 -9.42
C ARG B 84 -65.43 -41.06 -10.75
N GLU B 85 -64.73 -40.96 -11.88
CA GLU B 85 -65.37 -41.07 -13.21
C GLU B 85 -65.97 -42.46 -13.49
N ASP B 86 -65.70 -43.42 -12.61
CA ASP B 86 -66.37 -44.71 -12.64
C ASP B 86 -67.59 -44.62 -11.72
#